data_6BXW
#
_entry.id   6BXW
#
_cell.length_a   45.470
_cell.length_b   62.360
_cell.length_c   89.690
_cell.angle_alpha   90.000
_cell.angle_beta   90.000
_cell.angle_gamma   90.000
#
_symmetry.space_group_name_H-M   'P 21 21 21'
#
loop_
_entity.id
_entity.type
_entity.pdbx_description
1 polymer 'Mitochondrial association factor 1'
2 non-polymer ADENOSINE-5-DIPHOSPHORIBOSE
3 water water
#
_entity_poly.entity_id   1
_entity_poly.type   'polypeptide(L)'
_entity_poly.pdbx_seq_one_letter_code
;GSMGSQTVDLSCLSGTTVRFFGPSHHFGGFTPLYDPAPDKRVATVDAGANALFIGGGGLNGQFAKTLLEEAEKHGIRLTP
EELSQHSQRIQQSLLRRAVKSPGKLVELDTGVASPVFARSFGFVPVVPGLMWEESEVGPNVGVTFVHILKPEVTPYGNLN
NNVMMYTVAPSGAAPDKTYSLAYKTTIAGVIGAAAAYNDTPAGQQYPVQGLRLPLLGGGIFRRNRSLESIGRANAEGTSL
AITRYGPNFELQYMYDPSNAALHGLQEAESTYLASAAA
;
_entity_poly.pdbx_strand_id   A
#
loop_
_chem_comp.id
_chem_comp.type
_chem_comp.name
_chem_comp.formula
APR non-polymer ADENOSINE-5-DIPHOSPHORIBOSE 'C15 H23 N5 O14 P2'
#
# COMPACT_ATOMS: atom_id res chain seq x y z
N SER A 5 -17.86 -8.06 6.53
CA SER A 5 -17.53 -6.89 5.73
C SER A 5 -18.71 -6.51 4.82
N GLN A 6 -18.61 -5.35 4.19
CA GLN A 6 -19.59 -4.92 3.19
C GLN A 6 -18.88 -4.45 1.93
N THR A 7 -19.41 -4.87 0.79
CA THR A 7 -18.83 -4.52 -0.51
C THR A 7 -19.83 -3.71 -1.32
N VAL A 8 -19.35 -2.60 -1.87
CA VAL A 8 -20.16 -1.73 -2.71
C VAL A 8 -19.34 -1.22 -3.89
N ASP A 9 -20.03 -0.80 -4.95
CA ASP A 9 -19.38 -0.17 -6.10
C ASP A 9 -19.52 1.34 -5.99
N LEU A 10 -18.41 2.07 -6.10
CA LEU A 10 -18.41 3.52 -5.94
C LEU A 10 -18.28 4.24 -7.27
N SER A 11 -19.27 5.06 -7.59
CA SER A 11 -19.28 5.81 -8.83
C SER A 11 -18.16 6.85 -8.87
N CYS A 12 -17.76 7.34 -7.71
CA CYS A 12 -16.71 8.37 -7.65
C CYS A 12 -15.34 7.73 -7.88
N LEU A 13 -15.30 6.40 -7.91
CA LEU A 13 -14.09 5.66 -8.28
C LEU A 13 -14.32 4.88 -9.58
N SER A 14 -15.11 5.47 -10.47
CA SER A 14 -15.35 4.88 -11.79
C SER A 14 -15.97 3.49 -11.73
N GLY A 15 -16.73 3.21 -10.67
CA GLY A 15 -17.43 1.95 -10.56
C GLY A 15 -16.64 0.85 -9.85
N THR A 16 -15.49 1.22 -9.29
CA THR A 16 -14.63 0.28 -8.58
C THR A 16 -15.37 -0.41 -7.44
N THR A 17 -15.17 -1.72 -7.33
CA THR A 17 -15.69 -2.50 -6.21
C THR A 17 -14.82 -2.27 -4.98
N VAL A 18 -15.44 -1.84 -3.88
CA VAL A 18 -14.71 -1.58 -2.64
C VAL A 18 -15.27 -2.41 -1.50
N ARG A 19 -14.39 -3.14 -0.84
CA ARG A 19 -14.74 -3.97 0.31
C ARG A 19 -14.28 -3.27 1.58
N PHE A 20 -15.23 -2.91 2.44
CA PHE A 20 -14.91 -2.28 3.71
C PHE A 20 -14.99 -3.33 4.83
N PHE A 21 -13.84 -3.64 5.43
CA PHE A 21 -13.79 -4.66 6.47
C PHE A 21 -14.32 -4.15 7.80
N GLY A 22 -15.12 -4.97 8.46
CA GLY A 22 -15.51 -4.74 9.83
C GLY A 22 -14.54 -5.42 10.77
N PRO A 23 -14.77 -5.30 12.08
CA PRO A 23 -13.89 -5.94 13.08
C PRO A 23 -13.74 -7.45 12.88
N SER A 24 -12.52 -7.94 12.98
CA SER A 24 -12.23 -9.36 12.85
C SER A 24 -12.39 -10.05 14.20
N HIS A 25 -12.20 -11.37 14.21
CA HIS A 25 -12.25 -12.15 15.43
C HIS A 25 -11.01 -11.91 16.29
N HIS A 26 -9.95 -11.35 15.69
CA HIS A 26 -8.68 -11.19 16.38
C HIS A 26 -8.72 -10.05 17.40
N PHE A 27 -7.76 -10.06 18.31
CA PHE A 27 -7.65 -9.02 19.33
C PHE A 27 -7.48 -7.65 18.70
N GLY A 28 -8.37 -6.72 19.04
CA GLY A 28 -8.33 -5.38 18.49
C GLY A 28 -9.10 -5.27 17.18
N GLY A 29 -9.57 -6.40 16.68
CA GLY A 29 -10.40 -6.44 15.48
C GLY A 29 -9.66 -6.18 14.19
N PHE A 30 -8.32 -6.21 14.25
CA PHE A 30 -7.50 -5.91 13.08
C PHE A 30 -7.74 -6.90 11.93
N THR A 31 -7.77 -6.40 10.71
CA THR A 31 -7.93 -7.25 9.53
C THR A 31 -6.62 -8.02 9.27
N PRO A 32 -6.72 -9.35 9.02
CA PRO A 32 -5.50 -10.09 8.67
C PRO A 32 -4.89 -9.61 7.35
N LEU A 33 -3.57 -9.71 7.22
CA LEU A 33 -2.91 -9.28 5.99
C LEU A 33 -3.29 -10.17 4.81
N TYR A 34 -3.40 -11.47 5.08
CA TYR A 34 -3.76 -12.44 4.05
C TYR A 34 -4.70 -13.50 4.60
N ASP A 35 -5.54 -14.04 3.71
CA ASP A 35 -6.56 -15.02 4.09
C ASP A 35 -6.10 -16.44 3.76
N PRO A 36 -6.67 -17.44 4.44
CA PRO A 36 -6.28 -18.83 4.21
C PRO A 36 -6.66 -19.37 2.83
N ALA A 37 -7.81 -18.98 2.30
CA ALA A 37 -8.33 -19.54 1.06
C ALA A 37 -8.91 -18.47 0.14
N PRO A 38 -8.07 -17.53 -0.31
CA PRO A 38 -8.50 -16.46 -1.20
C PRO A 38 -8.85 -16.96 -2.59
N ASP A 39 -9.91 -16.43 -3.20
CA ASP A 39 -10.31 -16.84 -4.54
C ASP A 39 -9.71 -15.93 -5.61
N LYS A 40 -8.98 -14.90 -5.18
CA LYS A 40 -8.24 -14.05 -6.11
C LYS A 40 -6.98 -13.52 -5.44
N ARG A 41 -6.07 -12.98 -6.25
CA ARG A 41 -4.80 -12.46 -5.73
C ARG A 41 -4.95 -11.02 -5.31
N VAL A 42 -4.91 -10.82 -3.99
CA VAL A 42 -5.01 -9.49 -3.40
C VAL A 42 -3.68 -9.13 -2.75
N ALA A 43 -3.07 -8.06 -3.22
CA ALA A 43 -1.81 -7.57 -2.66
C ALA A 43 -2.08 -6.60 -1.51
N THR A 44 -1.46 -6.87 -0.37
CA THR A 44 -1.62 -6.00 0.78
C THR A 44 -0.51 -4.96 0.78
N VAL A 45 -0.88 -3.72 1.08
CA VAL A 45 0.05 -2.59 1.03
C VAL A 45 0.57 -2.25 2.43
N ASP A 46 1.86 -2.48 2.64
CA ASP A 46 2.55 -2.13 3.88
C ASP A 46 2.69 -0.61 4.02
N ALA A 47 2.30 -0.10 5.17
CA ALA A 47 2.57 1.29 5.54
C ALA A 47 4.02 1.37 6.02
N GLY A 48 4.91 1.64 5.06
CA GLY A 48 6.33 1.51 5.30
C GLY A 48 6.96 2.65 6.08
N ALA A 49 8.19 2.41 6.51
CA ALA A 49 9.01 3.41 7.17
C ALA A 49 9.82 4.18 6.14
N ASN A 50 10.19 5.42 6.47
CA ASN A 50 11.02 6.22 5.58
C ASN A 50 12.34 5.52 5.26
N ALA A 51 12.84 4.75 6.21
CA ALA A 51 14.15 4.09 6.05
C ALA A 51 14.07 2.78 5.23
N LEU A 52 12.84 2.36 4.90
CA LEU A 52 12.57 1.31 3.90
C LEU A 52 12.80 -0.12 4.39
N PHE A 53 12.76 -0.33 5.70
CA PHE A 53 12.91 -1.67 6.25
C PHE A 53 11.54 -2.29 6.52
N ILE A 54 11.49 -3.62 6.52
CA ILE A 54 10.31 -4.34 7.00
C ILE A 54 10.60 -4.77 8.44
N GLY A 55 9.81 -4.25 9.37
CA GLY A 55 10.04 -4.45 10.78
C GLY A 55 9.33 -3.36 11.57
N GLY A 56 9.81 -3.09 12.79
CA GLY A 56 9.22 -2.07 13.63
C GLY A 56 7.87 -2.46 14.20
N GLY A 57 7.03 -1.47 14.46
CA GLY A 57 5.71 -1.69 15.02
C GLY A 57 4.62 -1.51 13.99
N GLY A 58 3.37 -1.46 14.46
CA GLY A 58 2.24 -1.22 13.60
C GLY A 58 2.11 -2.26 12.50
N LEU A 59 1.58 -1.81 11.36
CA LEU A 59 1.32 -2.69 10.22
C LEU A 59 2.61 -3.31 9.68
N ASN A 60 3.66 -2.49 9.61
CA ASN A 60 4.97 -2.96 9.12
C ASN A 60 5.49 -4.11 9.97
N GLY A 61 5.26 -4.03 11.28
CA GLY A 61 5.62 -5.10 12.19
C GLY A 61 4.84 -6.38 11.95
N GLN A 62 3.60 -6.24 11.49
CA GLN A 62 2.79 -7.41 11.16
C GLN A 62 3.26 -8.08 9.89
N PHE A 63 3.73 -7.28 8.93
CA PHE A 63 4.33 -7.86 7.73
C PHE A 63 5.56 -8.67 8.14
N ALA A 64 6.39 -8.10 9.01
CA ALA A 64 7.59 -8.78 9.47
C ALA A 64 7.22 -10.09 10.15
N LYS A 65 6.24 -10.04 11.06
CA LYS A 65 5.79 -11.23 11.78
C LYS A 65 5.32 -12.32 10.84
N THR A 66 4.52 -11.94 9.84
CA THR A 66 3.97 -12.89 8.88
C THR A 66 5.07 -13.61 8.10
N LEU A 67 6.04 -12.85 7.60
CA LEU A 67 7.13 -13.43 6.82
C LEU A 67 8.02 -14.33 7.69
N LEU A 68 8.32 -13.88 8.90
CA LEU A 68 9.18 -14.61 9.82
C LEU A 68 8.58 -15.94 10.26
N GLU A 69 7.29 -15.92 10.55
CA GLU A 69 6.60 -17.14 10.97
C GLU A 69 6.58 -18.18 9.85
N GLU A 70 6.38 -17.73 8.62
CA GLU A 70 6.35 -18.64 7.49
C GLU A 70 7.75 -19.22 7.23
N ALA A 71 8.77 -18.38 7.39
CA ALA A 71 10.15 -18.83 7.21
C ALA A 71 10.50 -19.88 8.26
N GLU A 72 10.03 -19.67 9.48
CA GLU A 72 10.29 -20.58 10.60
C GLU A 72 9.70 -21.95 10.30
N LYS A 73 8.48 -21.96 9.78
CA LYS A 73 7.80 -23.21 9.41
C LYS A 73 8.58 -24.01 8.38
N HIS A 74 9.28 -23.32 7.49
CA HIS A 74 9.96 -23.97 6.38
C HIS A 74 11.43 -24.25 6.67
N GLY A 75 11.86 -24.01 7.90
CA GLY A 75 13.22 -24.30 8.30
C GLY A 75 14.24 -23.32 7.77
N ILE A 76 13.75 -22.17 7.29
CA ILE A 76 14.62 -21.10 6.83
C ILE A 76 15.05 -20.27 8.03
N ARG A 77 16.35 -20.18 8.26
CA ARG A 77 16.85 -19.37 9.35
C ARG A 77 16.85 -17.91 8.92
N LEU A 78 15.93 -17.16 9.52
CA LEU A 78 15.71 -15.76 9.19
C LEU A 78 15.24 -15.04 10.44
N THR A 79 16.10 -14.19 10.98
CA THR A 79 15.78 -13.43 12.18
C THR A 79 15.13 -12.11 11.77
N PRO A 80 14.41 -11.46 12.72
CA PRO A 80 13.84 -10.14 12.42
C PRO A 80 14.91 -9.15 11.99
N GLU A 81 16.10 -9.25 12.57
CA GLU A 81 17.21 -8.35 12.24
C GLU A 81 17.65 -8.57 10.80
N GLU A 82 17.77 -9.84 10.41
CA GLU A 82 18.18 -10.19 9.05
C GLU A 82 17.12 -9.72 8.06
N LEU A 83 15.84 -9.89 8.40
CA LEU A 83 14.78 -9.48 7.48
C LEU A 83 14.76 -7.97 7.34
N SER A 84 14.95 -7.26 8.44
CA SER A 84 14.96 -5.81 8.42
C SER A 84 16.11 -5.27 7.54
N GLN A 85 17.31 -5.79 7.78
CA GLN A 85 18.49 -5.36 7.03
C GLN A 85 18.37 -5.71 5.55
N HIS A 86 17.87 -6.91 5.26
CA HIS A 86 17.78 -7.41 3.89
C HIS A 86 16.74 -6.63 3.10
N SER A 87 15.55 -6.48 3.68
CA SER A 87 14.48 -5.74 3.01
C SER A 87 14.92 -4.29 2.77
N GLN A 88 15.60 -3.71 3.74
CA GLN A 88 16.12 -2.35 3.60
C GLN A 88 17.12 -2.24 2.44
N ARG A 89 18.05 -3.19 2.37
CA ARG A 89 19.06 -3.19 1.32
C ARG A 89 18.41 -3.30 -0.06
N ILE A 90 17.48 -4.22 -0.20
CA ILE A 90 16.75 -4.42 -1.46
C ILE A 90 16.00 -3.16 -1.86
N GLN A 91 15.24 -2.59 -0.92
CA GLN A 91 14.37 -1.48 -1.28
C GLN A 91 15.17 -0.18 -1.45
N GLN A 92 16.30 -0.07 -0.75
CA GLN A 92 17.22 1.05 -1.00
C GLN A 92 17.75 0.97 -2.42
N SER A 93 18.10 -0.23 -2.86
CA SER A 93 18.62 -0.41 -4.22
C SER A 93 17.57 -0.09 -5.27
N LEU A 94 16.32 -0.47 -5.00
CA LEU A 94 15.22 -0.19 -5.91
C LEU A 94 14.91 1.30 -5.99
N LEU A 95 15.01 1.98 -4.86
CA LEU A 95 14.77 3.41 -4.82
C LEU A 95 15.81 4.12 -5.66
N ARG A 96 17.06 3.71 -5.52
CA ARG A 96 18.14 4.33 -6.28
C ARG A 96 17.89 4.21 -7.77
N ARG A 97 17.48 3.01 -8.19
CA ARG A 97 17.18 2.72 -9.59
C ARG A 97 15.94 3.50 -10.06
N ALA A 98 14.93 3.58 -9.20
CA ALA A 98 13.66 4.21 -9.54
C ALA A 98 13.81 5.72 -9.69
N VAL A 99 14.66 6.31 -8.86
CA VAL A 99 14.88 7.76 -8.89
C VAL A 99 15.62 8.15 -10.17
N LYS A 100 16.36 7.20 -10.75
CA LYS A 100 17.11 7.45 -11.98
C LYS A 100 16.25 7.30 -13.22
N SER A 101 15.10 6.66 -13.07
CA SER A 101 14.10 6.54 -14.14
C SER A 101 12.73 6.85 -13.58
N PRO A 102 12.50 8.10 -13.15
CA PRO A 102 11.26 8.46 -12.47
C PRO A 102 10.03 8.30 -13.38
N GLY A 103 8.93 7.86 -12.79
CA GLY A 103 7.71 7.64 -13.55
C GLY A 103 7.71 6.35 -14.34
N LYS A 104 8.72 5.50 -14.10
CA LYS A 104 8.82 4.18 -14.72
C LYS A 104 8.92 3.11 -13.65
N LEU A 105 8.26 1.98 -13.87
CA LEU A 105 8.46 0.81 -13.02
C LEU A 105 9.84 0.23 -13.33
N VAL A 106 10.65 0.07 -12.28
CA VAL A 106 11.96 -0.55 -12.41
C VAL A 106 11.95 -1.90 -11.71
N GLU A 107 12.84 -2.79 -12.14
CA GLU A 107 12.93 -4.14 -11.61
C GLU A 107 14.36 -4.46 -11.21
N SER A 114 17.97 -13.64 -2.36
CA SER A 114 17.01 -13.29 -1.33
C SER A 114 16.32 -14.53 -0.74
N PRO A 115 16.14 -14.55 0.58
CA PRO A 115 15.40 -15.65 1.22
C PRO A 115 13.88 -15.48 1.14
N VAL A 116 13.43 -14.27 0.83
CA VAL A 116 12.01 -13.93 0.91
C VAL A 116 11.38 -13.49 -0.41
N PHE A 117 12.15 -12.76 -1.23
CA PHE A 117 11.62 -12.19 -2.46
C PHE A 117 12.05 -12.99 -3.69
N ALA A 118 11.08 -13.28 -4.55
CA ALA A 118 11.37 -13.93 -5.83
C ALA A 118 11.70 -12.87 -6.88
N ARG A 119 10.97 -11.77 -6.85
CA ARG A 119 11.16 -10.67 -7.78
C ARG A 119 10.68 -9.37 -7.14
N SER A 120 11.36 -8.26 -7.42
CA SER A 120 11.04 -6.97 -6.81
C SER A 120 10.99 -5.83 -7.82
N PHE A 121 10.05 -4.91 -7.60
CA PHE A 121 9.86 -3.75 -8.47
C PHE A 121 9.80 -2.46 -7.65
N GLY A 122 10.22 -1.35 -8.27
CA GLY A 122 10.15 -0.04 -7.64
C GLY A 122 9.52 1.00 -8.52
N PHE A 123 8.94 2.04 -7.92
CA PHE A 123 8.27 3.09 -8.66
C PHE A 123 8.20 4.39 -7.87
N VAL A 124 8.67 5.49 -8.44
CA VAL A 124 8.40 6.81 -7.89
C VAL A 124 7.67 7.63 -8.93
N PRO A 125 6.49 8.18 -8.57
CA PRO A 125 5.75 9.00 -9.55
C PRO A 125 6.54 10.24 -9.93
N VAL A 126 7.19 10.83 -8.93
CA VAL A 126 8.10 11.95 -9.14
C VAL A 126 9.22 11.81 -8.12
N VAL A 127 10.36 12.45 -8.39
CA VAL A 127 11.48 12.41 -7.46
C VAL A 127 11.06 12.99 -6.11
N PRO A 128 11.20 12.22 -5.01
CA PRO A 128 10.85 12.77 -3.70
C PRO A 128 11.68 13.98 -3.31
N GLY A 129 11.03 15.04 -2.84
CA GLY A 129 11.72 16.24 -2.41
C GLY A 129 11.84 17.27 -3.52
N LEU A 130 11.45 16.89 -4.73
CA LEU A 130 11.57 17.76 -5.89
C LEU A 130 10.39 18.71 -6.04
N MET A 131 9.22 18.28 -5.55
CA MET A 131 7.99 19.06 -5.66
C MET A 131 7.44 19.44 -4.28
N TRP A 132 8.09 18.95 -3.22
CA TRP A 132 7.73 19.30 -1.86
C TRP A 132 8.98 19.33 -1.00
N GLU A 133 8.83 19.82 0.23
CA GLU A 133 9.94 19.85 1.18
C GLU A 133 10.04 18.54 1.94
N GLU A 134 11.19 17.87 1.80
CA GLU A 134 11.47 16.66 2.57
C GLU A 134 11.38 16.95 4.06
N SER A 135 11.72 18.18 4.43
CA SER A 135 11.71 18.58 5.83
C SER A 135 10.29 18.67 6.39
N GLU A 136 9.31 18.74 5.49
CA GLU A 136 7.91 18.88 5.88
C GLU A 136 7.14 17.56 5.83
N VAL A 137 7.30 16.81 4.75
CA VAL A 137 6.56 15.55 4.59
C VAL A 137 7.42 14.32 4.95
N GLY A 138 8.73 14.47 4.88
CA GLY A 138 9.65 13.41 5.27
C GLY A 138 10.37 12.78 4.08
N PRO A 139 11.41 11.98 4.36
CA PRO A 139 12.23 11.37 3.30
C PRO A 139 11.54 10.26 2.51
N ASN A 140 11.83 10.19 1.22
CA ASN A 140 11.41 9.08 0.37
C ASN A 140 9.89 8.91 0.25
N VAL A 141 9.14 9.99 0.44
CA VAL A 141 7.68 9.90 0.37
C VAL A 141 7.23 9.66 -1.07
N GLY A 142 6.28 8.75 -1.23
CA GLY A 142 5.69 8.47 -2.54
C GLY A 142 6.24 7.23 -3.22
N VAL A 143 7.37 6.72 -2.73
CA VAL A 143 7.97 5.55 -3.37
C VAL A 143 7.13 4.32 -3.04
N THR A 144 6.95 3.46 -4.04
CA THR A 144 6.20 2.22 -3.86
C THR A 144 7.02 1.06 -4.42
N PHE A 145 6.98 -0.06 -3.70
CA PHE A 145 7.63 -1.29 -4.13
C PHE A 145 6.60 -2.39 -4.27
N VAL A 146 6.82 -3.28 -5.23
CA VAL A 146 6.00 -4.47 -5.41
C VAL A 146 6.93 -5.66 -5.31
N HIS A 147 6.60 -6.62 -4.45
CA HIS A 147 7.40 -7.83 -4.32
C HIS A 147 6.56 -9.07 -4.59
N ILE A 148 7.12 -10.00 -5.35
CA ILE A 148 6.60 -11.35 -5.42
C ILE A 148 7.34 -12.17 -4.38
N LEU A 149 6.60 -12.84 -3.51
CA LEU A 149 7.20 -13.62 -2.43
C LEU A 149 7.57 -15.02 -2.91
N LYS A 150 8.67 -15.54 -2.39
CA LYS A 150 9.04 -16.92 -2.69
C LYS A 150 8.01 -17.84 -2.06
N PRO A 151 7.78 -19.02 -2.65
CA PRO A 151 6.82 -19.98 -2.10
C PRO A 151 7.01 -20.27 -0.61
N GLU A 152 8.25 -20.23 -0.12
CA GLU A 152 8.55 -20.66 1.25
C GLU A 152 8.11 -19.66 2.31
N VAL A 153 7.86 -18.41 1.93
CA VAL A 153 7.40 -17.40 2.89
C VAL A 153 6.04 -16.83 2.51
N THR A 154 5.37 -17.50 1.57
CA THR A 154 4.04 -17.09 1.13
C THR A 154 3.00 -17.51 2.17
N PRO A 155 2.19 -16.56 2.66
CA PRO A 155 1.17 -16.92 3.65
C PRO A 155 0.27 -18.07 3.21
N TYR A 156 0.16 -19.08 4.07
CA TYR A 156 -0.70 -20.25 3.85
C TYR A 156 -0.31 -21.09 2.63
N GLY A 157 0.87 -20.82 2.07
CA GLY A 157 1.33 -21.54 0.90
C GLY A 157 0.38 -21.40 -0.27
N ASN A 158 -0.41 -20.34 -0.25
CA ASN A 158 -1.38 -20.07 -1.30
C ASN A 158 -0.85 -19.10 -2.33
N LEU A 159 -0.89 -19.51 -3.59
CA LEU A 159 -0.29 -18.75 -4.69
C LEU A 159 -0.94 -17.38 -4.87
N ASN A 160 -2.16 -17.23 -4.38
CA ASN A 160 -2.85 -15.94 -4.46
C ASN A 160 -2.39 -14.96 -3.38
N ASN A 161 -1.52 -15.42 -2.49
CA ASN A 161 -0.96 -14.58 -1.43
C ASN A 161 0.51 -14.25 -1.65
N ASN A 162 0.98 -14.31 -2.91
CA ASN A 162 2.41 -14.18 -3.16
C ASN A 162 2.87 -12.79 -3.58
N VAL A 163 2.01 -11.78 -3.44
CA VAL A 163 2.40 -10.41 -3.74
C VAL A 163 2.09 -9.46 -2.59
N MET A 164 3.09 -8.67 -2.20
CA MET A 164 2.93 -7.59 -1.23
C MET A 164 3.43 -6.30 -1.85
N MET A 165 3.00 -5.18 -1.27
CA MET A 165 3.49 -3.87 -1.65
C MET A 165 3.95 -3.11 -0.42
N TYR A 166 4.67 -2.03 -0.65
CA TYR A 166 5.31 -1.26 0.41
C TYR A 166 5.37 0.20 -0.05
N THR A 167 4.80 1.09 0.75
CA THR A 167 4.66 2.50 0.38
C THR A 167 5.04 3.42 1.54
N VAL A 168 5.61 4.57 1.23
CA VAL A 168 5.98 5.56 2.25
C VAL A 168 5.05 6.77 2.17
N ALA A 169 4.26 6.98 3.22
CA ALA A 169 3.28 8.07 3.27
C ALA A 169 3.88 9.36 3.81
N PRO A 170 3.24 10.51 3.51
CA PRO A 170 3.73 11.79 4.03
C PRO A 170 3.44 11.96 5.52
N SER A 171 4.26 12.77 6.19
CA SER A 171 4.04 13.13 7.57
C SER A 171 2.84 14.07 7.70
N GLY A 172 1.99 13.83 8.68
CA GLY A 172 0.80 14.63 8.87
C GLY A 172 1.10 16.04 9.32
N ALA A 173 2.31 16.26 9.81
CA ALA A 173 2.71 17.57 10.31
C ALA A 173 2.84 18.60 9.19
N ALA A 174 2.92 18.13 7.95
CA ALA A 174 3.09 19.00 6.80
C ALA A 174 1.88 19.93 6.62
N PRO A 175 2.09 21.12 6.02
CA PRO A 175 0.95 22.00 5.71
C PRO A 175 -0.04 21.35 4.75
N ASP A 176 -1.30 21.80 4.79
CA ASP A 176 -2.38 21.16 4.04
C ASP A 176 -2.13 21.08 2.54
N LYS A 177 -1.60 22.16 1.96
CA LYS A 177 -1.39 22.22 0.51
C LYS A 177 -0.36 21.19 0.05
N THR A 178 0.78 21.14 0.74
CA THR A 178 1.83 20.20 0.37
C THR A 178 1.45 18.77 0.77
N TYR A 179 0.71 18.63 1.86
CA TYR A 179 0.28 17.32 2.31
C TYR A 179 -0.63 16.68 1.26
N SER A 180 -1.60 17.45 0.78
CA SER A 180 -2.54 16.95 -0.22
C SER A 180 -1.80 16.51 -1.48
N LEU A 181 -0.85 17.33 -1.92
CA LEU A 181 -0.05 16.99 -3.10
C LEU A 181 0.71 15.70 -2.86
N ALA A 182 1.38 15.61 -1.71
CA ALA A 182 2.17 14.45 -1.38
C ALA A 182 1.30 13.20 -1.26
N TYR A 183 0.12 13.35 -0.66
CA TYR A 183 -0.76 12.21 -0.47
C TYR A 183 -1.33 11.73 -1.80
N LYS A 184 -1.76 12.65 -2.65
CA LYS A 184 -2.27 12.27 -3.96
C LYS A 184 -1.18 11.54 -4.75
N THR A 185 0.06 12.00 -4.61
CA THR A 185 1.17 11.39 -5.31
C THR A 185 1.43 9.98 -4.80
N THR A 186 1.35 9.79 -3.50
CA THR A 186 1.57 8.50 -2.89
C THR A 186 0.55 7.48 -3.39
N ILE A 187 -0.72 7.88 -3.44
CA ILE A 187 -1.77 6.96 -3.89
C ILE A 187 -1.61 6.65 -5.38
N ALA A 188 -1.18 7.64 -6.15
CA ALA A 188 -0.91 7.41 -7.57
C ALA A 188 0.19 6.37 -7.74
N GLY A 189 1.16 6.40 -6.84
CA GLY A 189 2.25 5.45 -6.86
C GLY A 189 1.79 4.04 -6.56
N VAL A 190 0.87 3.92 -5.60
CA VAL A 190 0.33 2.62 -5.24
C VAL A 190 -0.43 2.02 -6.41
N ILE A 191 -1.45 2.74 -6.88
CA ILE A 191 -2.28 2.25 -7.98
C ILE A 191 -1.46 2.09 -9.25
N GLY A 192 -0.62 3.08 -9.53
CA GLY A 192 0.21 3.07 -10.71
C GLY A 192 1.18 1.90 -10.74
N ALA A 193 1.81 1.61 -9.60
CA ALA A 193 2.78 0.53 -9.53
C ALA A 193 2.10 -0.82 -9.77
N ALA A 194 0.92 -1.01 -9.20
CA ALA A 194 0.18 -2.24 -9.39
C ALA A 194 -0.29 -2.38 -10.84
N ALA A 195 -0.79 -1.29 -11.41
CA ALA A 195 -1.26 -1.31 -12.80
C ALA A 195 -0.11 -1.63 -13.75
N ALA A 196 1.06 -1.07 -13.49
CA ALA A 196 2.23 -1.33 -14.31
C ALA A 196 2.72 -2.76 -14.14
N TYR A 197 2.73 -3.22 -12.89
CA TYR A 197 3.13 -4.59 -12.58
C TYR A 197 2.33 -5.60 -13.40
N ASN A 198 1.03 -5.37 -13.52
CA ASN A 198 0.18 -6.29 -14.27
C ASN A 198 0.46 -6.29 -15.77
N ASP A 199 1.26 -5.33 -16.24
CA ASP A 199 1.67 -5.27 -17.64
C ASP A 199 3.09 -5.79 -17.86
N THR A 200 3.71 -6.33 -16.80
CA THR A 200 5.02 -6.98 -16.92
C THR A 200 4.83 -8.47 -17.16
N PRO A 201 5.90 -9.15 -17.63
CA PRO A 201 5.85 -10.61 -17.77
C PRO A 201 5.52 -11.31 -16.47
N ALA A 202 6.11 -10.87 -15.36
CA ALA A 202 5.84 -11.46 -14.06
C ALA A 202 4.36 -11.33 -13.72
N GLY A 203 3.79 -10.18 -14.04
CA GLY A 203 2.39 -9.90 -13.77
C GLY A 203 1.42 -10.64 -14.66
N GLN A 204 1.88 -11.07 -15.84
CA GLN A 204 1.06 -11.89 -16.71
C GLN A 204 0.82 -13.25 -16.06
N GLN A 205 1.84 -13.75 -15.36
CA GLN A 205 1.73 -15.02 -14.68
C GLN A 205 1.00 -14.91 -13.34
N TYR A 206 1.32 -13.86 -12.58
CA TYR A 206 0.72 -13.63 -11.26
C TYR A 206 0.04 -12.27 -11.20
N PRO A 207 -1.10 -12.13 -11.90
CA PRO A 207 -1.79 -10.83 -11.93
C PRO A 207 -2.36 -10.45 -10.56
N VAL A 208 -2.21 -9.18 -10.20
CA VAL A 208 -2.85 -8.63 -9.00
C VAL A 208 -4.29 -8.27 -9.34
N GLN A 209 -5.23 -8.78 -8.53
CA GLN A 209 -6.64 -8.65 -8.81
C GLN A 209 -7.35 -7.82 -7.75
N GLY A 210 -6.59 -7.35 -6.76
CA GLY A 210 -7.13 -6.49 -5.73
C GLY A 210 -6.02 -5.92 -4.86
N LEU A 211 -6.32 -4.84 -4.15
CA LEU A 211 -5.41 -4.26 -3.18
C LEU A 211 -6.07 -4.20 -1.80
N ARG A 212 -5.34 -4.65 -0.78
CA ARG A 212 -5.81 -4.53 0.60
C ARG A 212 -5.02 -3.39 1.27
N LEU A 213 -5.75 -2.35 1.65
CA LEU A 213 -5.14 -1.07 2.02
C LEU A 213 -5.41 -0.67 3.47
N PRO A 214 -4.39 -0.16 4.16
CA PRO A 214 -4.62 0.57 5.41
C PRO A 214 -4.98 2.00 5.09
N LEU A 215 -5.21 2.84 6.10
CA LEU A 215 -5.21 4.27 5.86
C LEU A 215 -3.77 4.73 5.93
N LEU A 216 -3.16 4.90 4.77
CA LEU A 216 -1.76 5.27 4.71
C LEU A 216 -1.56 6.60 5.39
N GLY A 217 -0.48 6.69 6.18
CA GLY A 217 -0.12 7.91 6.87
C GLY A 217 -0.95 8.13 8.12
N GLY A 218 -1.79 7.15 8.48
CA GLY A 218 -2.79 7.34 9.52
C GLY A 218 -2.46 6.88 10.94
N GLY A 219 -1.22 6.44 11.16
CA GLY A 219 -0.82 5.95 12.47
C GLY A 219 0.26 6.84 13.07
N ILE A 220 1.46 6.32 13.21
CA ILE A 220 2.55 7.08 13.80
C ILE A 220 2.95 8.27 12.91
N PHE A 221 2.59 8.22 11.64
CA PHE A 221 2.97 9.28 10.71
C PHE A 221 2.07 10.51 10.76
N ARG A 222 0.88 10.39 11.33
CA ARG A 222 -0.09 11.48 11.21
C ARG A 222 0.14 12.60 12.21
N ARG A 223 0.77 12.28 13.34
CA ARG A 223 1.09 13.28 14.36
C ARG A 223 -0.17 14.03 14.78
N ASN A 224 -0.24 15.33 14.52
CA ASN A 224 -1.37 16.14 14.98
C ASN A 224 -2.52 16.23 13.98
N ARG A 225 -2.36 15.58 12.83
CA ARG A 225 -3.37 15.67 11.77
C ARG A 225 -4.58 14.78 12.05
N SER A 226 -5.76 15.30 11.75
CA SER A 226 -7.00 14.56 11.99
C SER A 226 -7.15 13.42 11.00
N LEU A 227 -7.73 12.32 11.47
CA LEU A 227 -7.98 11.16 10.61
C LEU A 227 -8.93 11.52 9.48
N GLU A 228 -9.84 12.45 9.74
CA GLU A 228 -10.80 12.85 8.71
C GLU A 228 -10.13 13.57 7.54
N SER A 229 -9.13 14.41 7.82
CA SER A 229 -8.45 15.12 6.75
C SER A 229 -7.67 14.12 5.89
N ILE A 230 -7.12 13.09 6.53
CA ILE A 230 -6.42 12.06 5.79
C ILE A 230 -7.41 11.23 4.95
N GLY A 231 -8.60 10.99 5.50
CA GLY A 231 -9.63 10.27 4.77
C GLY A 231 -10.04 11.01 3.52
N ARG A 232 -10.13 12.33 3.62
CA ARG A 232 -10.45 13.17 2.47
C ARG A 232 -9.33 13.14 1.43
N ALA A 233 -8.09 13.20 1.90
CA ALA A 233 -6.93 13.11 1.01
C ALA A 233 -6.92 11.78 0.27
N ASN A 234 -7.23 10.70 0.98
CA ASN A 234 -7.23 9.38 0.37
C ASN A 234 -8.30 9.25 -0.71
N ALA A 235 -9.48 9.80 -0.44
CA ALA A 235 -10.57 9.73 -1.40
C ALA A 235 -10.21 10.45 -2.71
N GLU A 236 -9.68 11.65 -2.57
CA GLU A 236 -9.31 12.44 -3.75
C GLU A 236 -8.17 11.76 -4.50
N GLY A 237 -7.17 11.32 -3.76
CA GLY A 237 -6.01 10.66 -4.35
C GLY A 237 -6.39 9.39 -5.10
N THR A 238 -7.31 8.63 -4.52
CA THR A 238 -7.73 7.36 -5.10
C THR A 238 -8.54 7.60 -6.37
N SER A 239 -9.45 8.57 -6.33
CA SER A 239 -10.25 8.90 -7.50
C SER A 239 -9.38 9.31 -8.68
N LEU A 240 -8.41 10.19 -8.43
CA LEU A 240 -7.50 10.65 -9.47
C LEU A 240 -6.63 9.53 -10.00
N ALA A 241 -6.14 8.67 -9.11
CA ALA A 241 -5.27 7.57 -9.51
C ALA A 241 -6.00 6.58 -10.42
N ILE A 242 -7.27 6.33 -10.12
CA ILE A 242 -8.07 5.42 -10.94
C ILE A 242 -8.37 6.06 -12.30
N THR A 243 -8.59 7.38 -12.32
CA THR A 243 -8.77 8.08 -13.59
C THR A 243 -7.52 7.91 -14.47
N ARG A 244 -6.35 8.03 -13.86
CA ARG A 244 -5.10 7.95 -14.60
C ARG A 244 -4.80 6.56 -15.16
N TYR A 245 -5.08 5.52 -14.36
CA TYR A 245 -4.59 4.18 -14.68
C TYR A 245 -5.70 3.15 -14.94
N GLY A 246 -6.92 3.48 -14.53
CA GLY A 246 -8.08 2.62 -14.75
C GLY A 246 -8.49 1.81 -13.53
N PRO A 247 -9.80 1.48 -13.42
CA PRO A 247 -10.29 0.64 -12.33
C PRO A 247 -10.03 -0.86 -12.61
N ASN A 248 -8.75 -1.23 -12.63
CA ASN A 248 -8.33 -2.60 -12.97
C ASN A 248 -8.77 -3.64 -11.94
N PHE A 249 -8.66 -3.32 -10.66
CA PHE A 249 -8.90 -4.31 -9.61
C PHE A 249 -9.73 -3.73 -8.48
N GLU A 250 -10.17 -4.60 -7.57
CA GLU A 250 -11.00 -4.14 -6.48
C GLU A 250 -10.11 -3.62 -5.36
N LEU A 251 -10.67 -2.74 -4.54
CA LEU A 251 -9.97 -2.21 -3.38
C LEU A 251 -10.61 -2.76 -2.11
N GLN A 252 -9.76 -3.04 -1.12
CA GLN A 252 -10.23 -3.46 0.19
C GLN A 252 -9.59 -2.54 1.23
N TYR A 253 -10.40 -2.03 2.16
CA TYR A 253 -9.89 -1.21 3.25
C TYR A 253 -9.97 -1.97 4.56
N MET A 254 -8.81 -2.14 5.19
CA MET A 254 -8.70 -2.88 6.42
C MET A 254 -9.44 -2.14 7.53
N TYR A 255 -9.90 -2.88 8.54
CA TYR A 255 -10.73 -2.27 9.56
C TYR A 255 -10.01 -1.17 10.34
N ASP A 256 -10.72 -0.05 10.52
CA ASP A 256 -10.23 1.11 11.26
C ASP A 256 -11.41 1.63 12.09
N PRO A 257 -11.30 1.60 13.42
CA PRO A 257 -12.48 2.02 14.21
C PRO A 257 -12.90 3.46 13.96
N SER A 258 -12.00 4.29 13.42
CA SER A 258 -12.33 5.67 13.06
C SER A 258 -13.14 5.75 11.78
N ASN A 259 -13.08 4.70 10.96
CA ASN A 259 -13.75 4.67 9.66
C ASN A 259 -13.37 5.84 8.77
N ALA A 260 -12.13 6.31 8.89
CA ALA A 260 -11.70 7.53 8.20
C ALA A 260 -11.72 7.38 6.68
N ALA A 261 -11.16 6.29 6.17
CA ALA A 261 -11.14 6.07 4.71
C ALA A 261 -12.55 5.94 4.20
N LEU A 262 -13.40 5.25 4.96
CA LEU A 262 -14.79 5.06 4.58
C LEU A 262 -15.51 6.40 4.51
N HIS A 263 -15.37 7.20 5.55
CA HIS A 263 -16.03 8.50 5.61
C HIS A 263 -15.62 9.41 4.46
N GLY A 264 -14.35 9.38 4.10
CA GLY A 264 -13.86 10.19 3.00
C GLY A 264 -14.51 9.81 1.68
N LEU A 265 -14.63 8.51 1.45
CA LEU A 265 -15.22 8.01 0.22
C LEU A 265 -16.73 8.23 0.18
N GLN A 266 -17.38 8.16 1.34
CA GLN A 266 -18.82 8.46 1.43
C GLN A 266 -19.09 9.89 1.01
N GLU A 267 -18.30 10.80 1.55
CA GLU A 267 -18.44 12.22 1.24
C GLU A 267 -18.17 12.48 -0.24
N ALA A 268 -17.16 11.81 -0.79
CA ALA A 268 -16.84 11.95 -2.20
C ALA A 268 -17.95 11.37 -3.09
N GLU A 269 -18.56 10.28 -2.65
CA GLU A 269 -19.59 9.62 -3.43
C GLU A 269 -20.83 10.51 -3.53
N SER A 270 -21.24 11.08 -2.40
CA SER A 270 -22.39 11.98 -2.38
C SER A 270 -22.16 13.24 -3.21
N THR A 271 -20.95 13.77 -3.13
CA THR A 271 -20.57 14.93 -3.94
C THR A 271 -20.65 14.58 -5.42
N TYR A 272 -20.21 13.37 -5.76
CA TYR A 272 -20.21 12.92 -7.15
C TYR A 272 -21.63 12.81 -7.68
N LEU A 273 -22.56 12.32 -6.86
CA LEU A 273 -23.95 12.20 -7.29
C LEU A 273 -24.54 13.56 -7.66
N ALA A 274 -24.08 14.61 -6.99
CA ALA A 274 -24.64 15.95 -7.15
C ALA A 274 -23.90 16.79 -8.20
N SER A 275 -22.89 16.23 -8.83
CA SER A 275 -22.00 17.01 -9.70
C SER A 275 -22.67 17.56 -10.95
N ALA A 276 -23.81 16.99 -11.34
CA ALA A 276 -24.52 17.43 -12.54
C ALA A 276 -25.80 18.20 -12.19
N ALA A 277 -26.00 18.50 -10.91
CA ALA A 277 -27.17 19.26 -10.47
C ALA A 277 -26.78 20.68 -10.08
N1 APR B . -2.50 -5.17 12.38
C2 APR B . -3.31 -4.63 11.45
N3 APR B . -3.45 -3.31 11.28
C4 APR B . -2.76 -2.43 12.05
C5 APR B . -1.86 -2.95 13.07
C6 APR B . -1.76 -4.42 13.20
N6 APR B . -0.94 -4.99 14.12
N7 APR B . -1.30 -1.88 13.68
C8 APR B . -1.80 -0.76 13.08
N9 APR B . -2.68 -1.10 12.12
C1' APR B . -3.43 -0.15 11.26
C2' APR B . -3.72 1.14 12.02
O2' APR B . -5.11 1.23 12.32
C3' APR B . -3.32 2.27 11.09
O3' APR B . -4.46 3.05 10.74
O4' APR B . -2.61 0.21 10.14
C4' APR B . -2.74 1.60 9.84
C5' APR B . -1.38 2.15 9.43
O5' APR B . -0.72 2.76 10.53
PA APR B . 0.89 2.76 10.61
O1A APR B . 1.38 1.35 10.39
O2A APR B . 1.31 3.52 11.83
O3A APR B . 1.25 3.65 9.30
PB APR B . 1.93 5.10 9.43
O1B APR B . 1.96 5.71 8.05
O2B APR B . 1.24 5.82 10.56
O5D APR B . 3.44 4.77 9.87
C5D APR B . 3.98 3.46 9.74
O4D APR B . 4.98 2.42 11.68
O1D APR B . 5.34 0.12 11.87
C1D APR B . 5.97 1.40 11.73
O2D APR B . 8.13 1.32 10.65
C2D APR B . 6.73 1.44 10.42
O3D APR B . 7.54 3.68 9.98
C3D APR B . 6.42 2.80 9.82
C4D APR B . 5.23 3.33 10.60
#